data_1Z1L
#
_entry.id   1Z1L
#
_cell.length_a   90.033
_cell.length_b   102.549
_cell.length_c   81.598
_cell.angle_alpha   90
_cell.angle_beta   90
_cell.angle_gamma   90
#
_symmetry.space_group_name_H-M   'C 2 2 21'
#
loop_
_entity.id
_entity.type
_entity.pdbx_description
1 polymer "cGMP-dependent 3',5'-cyclic phosphodiesterase"
2 non-polymer 'ZINC ION'
3 non-polymer 'MAGNESIUM ION'
4 non-polymer 'PHOSPHATE ION'
5 water water
#
_entity_poly.entity_id   1
_entity_poly.type   'polypeptide(L)'
_entity_poly.pdbx_seq_one_letter_code
;MHASDDEYTKLLHDGIQPVAAIDSNFASFTYTPRSLPEDDTSMAILSMLQDMNFINNYKIDCPTLARFCLMVKKGYRDPP
YHNWMHAFSVSHFCYLLYKNLELTNYLEDIEIFALFISCMCHDLDHRGTNNSFQVASKSVLAALYSSEGSVMERHHFAQA
IAILNTHGCNIFDHFSRKDYQRMLDLMRDIILATDLAHHLRIFKDLQKMAEVGYDRNNKQHHRLLLCLLMTSCDLSDQTK
GWKTTRKIAELIYKEFFSQGDLEKAMGNRPMEMMDREKAYIPELQISFMEHIAMPIYKLLQDLFPKAAELYERVASNREH
WTKVSHKFTIRGLPSNNSLDFLDEE
;
_entity_poly.pdbx_strand_id   A
#
loop_
_chem_comp.id
_chem_comp.type
_chem_comp.name
_chem_comp.formula
MG non-polymer 'MAGNESIUM ION' 'Mg 2'
PO4 non-polymer 'PHOSPHATE ION' 'O4 P -3'
ZN non-polymer 'ZINC ION' 'Zn 2'
#
# COMPACT_ATOMS: atom_id res chain seq x y z
N HIS A 2 30.04 16.82 -4.48
CA HIS A 2 29.57 16.97 -5.88
C HIS A 2 29.47 15.60 -6.58
N ALA A 3 29.67 14.53 -5.81
CA ALA A 3 29.60 13.17 -6.33
C ALA A 3 28.15 12.73 -6.47
N SER A 4 27.47 13.26 -7.47
CA SER A 4 26.07 12.98 -7.72
C SER A 4 25.70 11.53 -8.03
N ASP A 5 26.59 10.80 -8.68
CA ASP A 5 26.29 9.42 -9.07
C ASP A 5 26.81 8.31 -8.15
N ASP A 6 27.47 8.68 -7.06
CA ASP A 6 28.01 7.69 -6.13
C ASP A 6 26.95 6.78 -5.51
N GLU A 7 25.86 7.36 -5.04
CA GLU A 7 24.80 6.60 -4.39
C GLU A 7 24.17 5.47 -5.23
N TYR A 8 23.66 5.80 -6.41
CA TYR A 8 23.05 4.78 -7.25
C TYR A 8 24.10 3.81 -7.78
N THR A 9 25.31 4.32 -8.03
CA THR A 9 26.39 3.48 -8.53
C THR A 9 26.73 2.38 -7.53
N LYS A 10 26.69 2.72 -6.24
CA LYS A 10 26.99 1.74 -5.20
C LYS A 10 25.88 0.69 -5.14
N LEU A 11 24.64 1.12 -5.31
CA LEU A 11 23.50 0.21 -5.28
C LEU A 11 23.58 -0.85 -6.37
N LEU A 12 24.10 -0.48 -7.53
CA LEU A 12 24.21 -1.40 -8.66
C LEU A 12 25.62 -1.95 -8.86
N HIS A 13 26.52 -1.65 -7.93
CA HIS A 13 27.91 -2.10 -8.02
C HIS A 13 28.09 -3.55 -8.44
N ASP A 14 27.36 -4.46 -7.80
CA ASP A 14 27.48 -5.88 -8.09
C ASP A 14 26.28 -6.44 -8.85
N GLY A 15 25.53 -5.58 -9.51
CA GLY A 15 24.36 -6.03 -10.24
C GLY A 15 23.17 -6.23 -9.33
N ILE A 16 22.05 -6.65 -9.90
CA ILE A 16 20.84 -6.88 -9.13
C ILE A 16 20.91 -8.24 -8.46
N GLN A 17 20.67 -8.27 -7.15
CA GLN A 17 20.72 -9.51 -6.40
C GLN A 17 19.51 -10.41 -6.69
N PRO A 18 19.76 -11.67 -7.07
CA PRO A 18 18.69 -12.63 -7.37
C PRO A 18 17.74 -12.77 -6.19
N VAL A 19 16.44 -12.70 -6.45
CA VAL A 19 15.46 -12.80 -5.38
C VAL A 19 15.63 -14.05 -4.51
N ALA A 20 16.10 -15.14 -5.11
CA ALA A 20 16.31 -16.38 -4.37
C ALA A 20 17.38 -16.22 -3.29
N ALA A 21 18.30 -15.29 -3.50
CA ALA A 21 19.39 -15.05 -2.55
C ALA A 21 19.01 -14.19 -1.34
N ILE A 22 17.83 -13.58 -1.39
CA ILE A 22 17.38 -12.73 -0.28
C ILE A 22 16.96 -13.55 0.94
N ASP A 23 16.09 -14.53 0.70
CA ASP A 23 15.57 -15.40 1.75
C ASP A 23 14.83 -16.54 1.06
N SER A 24 15.09 -17.77 1.49
CA SER A 24 14.44 -18.93 0.88
C SER A 24 12.93 -18.86 1.00
N ASN A 25 12.44 -18.02 1.90
CA ASN A 25 11.00 -17.88 2.12
C ASN A 25 10.46 -16.52 1.67
N PHE A 26 11.24 -15.81 0.87
CA PHE A 26 10.88 -14.47 0.38
C PHE A 26 9.60 -14.38 -0.45
N ALA A 27 9.25 -15.46 -1.16
CA ALA A 27 8.06 -15.45 -2.00
C ALA A 27 6.86 -16.16 -1.37
N SER A 28 6.94 -16.40 -0.07
CA SER A 28 5.87 -17.07 0.64
C SER A 28 4.96 -16.08 1.39
N PHE A 29 3.68 -16.43 1.48
CA PHE A 29 2.70 -15.61 2.19
C PHE A 29 3.08 -15.48 3.66
N THR A 30 3.92 -16.39 4.14
CA THR A 30 4.35 -16.39 5.54
C THR A 30 5.50 -15.43 5.81
N TYR A 31 6.12 -14.93 4.74
CA TYR A 31 7.23 -14.00 4.89
C TYR A 31 6.73 -12.63 5.35
N THR A 32 7.47 -12.01 6.26
CA THR A 32 7.10 -10.69 6.76
C THR A 32 8.17 -9.70 6.29
N PRO A 33 7.89 -8.98 5.19
CA PRO A 33 8.82 -8.00 4.62
C PRO A 33 9.31 -6.92 5.58
N ARG A 34 8.56 -6.64 6.63
CA ARG A 34 8.99 -5.62 7.58
C ARG A 34 10.23 -6.06 8.35
N SER A 35 10.56 -7.35 8.25
CA SER A 35 11.74 -7.89 8.92
C SER A 35 13.02 -7.56 8.17
N LEU A 36 12.89 -7.20 6.89
CA LEU A 36 14.06 -6.87 6.08
C LEU A 36 14.64 -5.53 6.52
N PRO A 37 15.97 -5.44 6.68
CA PRO A 37 16.59 -4.17 7.09
C PRO A 37 16.25 -3.09 6.07
N GLU A 38 15.86 -1.92 6.53
CA GLU A 38 15.48 -0.84 5.63
C GLU A 38 16.55 -0.49 4.59
N ASP A 39 17.82 -0.61 4.97
CA ASP A 39 18.90 -0.29 4.03
C ASP A 39 18.97 -1.28 2.86
N ASP A 40 18.27 -2.41 2.98
CA ASP A 40 18.27 -3.43 1.93
C ASP A 40 17.00 -3.45 1.09
N THR A 41 16.07 -2.55 1.38
CA THR A 41 14.80 -2.52 0.66
C THR A 41 14.88 -2.07 -0.80
N SER A 42 15.72 -1.08 -1.11
CA SER A 42 15.83 -0.63 -2.50
C SER A 42 16.32 -1.75 -3.41
N MET A 43 17.30 -2.53 -2.95
CA MET A 43 17.79 -3.62 -3.77
C MET A 43 16.70 -4.69 -3.88
N ALA A 44 15.96 -4.89 -2.81
CA ALA A 44 14.88 -5.88 -2.81
C ALA A 44 13.83 -5.51 -3.86
N ILE A 45 13.61 -4.21 -4.03
CA ILE A 45 12.65 -3.74 -5.04
C ILE A 45 13.17 -4.12 -6.43
N LEU A 46 14.46 -3.89 -6.66
CA LEU A 46 15.06 -4.24 -7.94
C LEU A 46 14.97 -5.75 -8.16
N SER A 47 15.20 -6.51 -7.11
CA SER A 47 15.14 -7.97 -7.20
C SER A 47 13.76 -8.45 -7.63
N MET A 48 12.70 -7.84 -7.08
CA MET A 48 11.35 -8.25 -7.43
C MET A 48 11.01 -7.84 -8.86
N LEU A 49 11.46 -6.66 -9.28
CA LEU A 49 11.21 -6.20 -10.63
C LEU A 49 11.89 -7.13 -11.62
N GLN A 50 13.08 -7.60 -11.27
CA GLN A 50 13.83 -8.52 -12.12
C GLN A 50 13.11 -9.86 -12.24
N ASP A 51 12.64 -10.39 -11.11
CA ASP A 51 11.96 -11.68 -11.11
C ASP A 51 10.66 -11.64 -11.91
N MET A 52 9.96 -10.52 -11.88
CA MET A 52 8.72 -10.37 -12.64
C MET A 52 9.06 -10.03 -14.08
N ASN A 53 10.36 -9.84 -14.32
CA ASN A 53 10.93 -9.53 -15.64
C ASN A 53 10.46 -8.25 -16.33
N PHE A 54 10.08 -7.26 -15.54
CA PHE A 54 9.61 -5.99 -16.11
C PHE A 54 10.76 -5.15 -16.69
N ILE A 55 11.97 -5.35 -16.20
CA ILE A 55 13.11 -4.58 -16.70
C ILE A 55 13.38 -4.99 -18.16
N ASN A 56 13.39 -6.28 -18.41
CA ASN A 56 13.62 -6.76 -19.78
C ASN A 56 12.43 -6.43 -20.67
N ASN A 57 11.23 -6.79 -20.20
CA ASN A 57 10.01 -6.59 -20.98
C ASN A 57 9.73 -5.17 -21.43
N TYR A 58 10.08 -4.18 -20.61
CA TYR A 58 9.82 -2.79 -20.98
C TYR A 58 11.07 -1.96 -21.26
N LYS A 59 12.19 -2.66 -21.43
CA LYS A 59 13.47 -2.03 -21.74
C LYS A 59 13.82 -0.88 -20.80
N ILE A 60 13.67 -1.14 -19.51
CA ILE A 60 13.96 -0.14 -18.49
C ILE A 60 15.47 0.02 -18.30
N ASP A 61 15.92 1.27 -18.23
CA ASP A 61 17.34 1.59 -18.03
C ASP A 61 17.64 1.38 -16.54
N CYS A 62 18.55 0.47 -16.21
CA CYS A 62 18.86 0.21 -14.80
C CYS A 62 19.31 1.40 -13.96
N PRO A 63 20.26 2.22 -14.46
CA PRO A 63 20.68 3.36 -13.65
C PRO A 63 19.50 4.28 -13.34
N THR A 64 18.65 4.50 -14.34
CA THR A 64 17.48 5.35 -14.17
C THR A 64 16.55 4.72 -13.14
N LEU A 65 16.35 3.41 -13.24
CA LEU A 65 15.48 2.69 -12.31
C LEU A 65 16.03 2.77 -10.88
N ALA A 66 17.34 2.66 -10.73
CA ALA A 66 17.96 2.73 -9.40
C ALA A 66 17.70 4.11 -8.81
N ARG A 67 17.93 5.15 -9.61
CA ARG A 67 17.70 6.51 -9.15
C ARG A 67 16.23 6.69 -8.77
N PHE A 68 15.32 6.18 -9.60
CA PHE A 68 13.88 6.26 -9.35
C PHE A 68 13.53 5.59 -8.01
N CYS A 69 14.05 4.39 -7.78
CA CYS A 69 13.77 3.67 -6.53
C CYS A 69 14.27 4.45 -5.30
N LEU A 70 15.45 5.05 -5.41
CA LEU A 70 16.00 5.82 -4.30
C LEU A 70 15.15 7.07 -4.04
N MET A 71 14.68 7.69 -5.13
CA MET A 71 13.85 8.89 -5.03
C MET A 71 12.50 8.61 -4.37
N VAL A 72 11.90 7.47 -4.72
CA VAL A 72 10.61 7.10 -4.14
C VAL A 72 10.78 6.89 -2.64
N LYS A 73 11.81 6.15 -2.26
CA LYS A 73 12.09 5.90 -0.85
C LYS A 73 12.30 7.22 -0.10
N LYS A 74 13.05 8.14 -0.67
CA LYS A 74 13.30 9.41 -0.01
C LYS A 74 12.08 10.34 -0.07
N GLY A 75 11.07 9.94 -0.86
CA GLY A 75 9.86 10.72 -0.98
C GLY A 75 8.86 10.48 0.13
N TYR A 76 9.18 9.54 1.02
CA TYR A 76 8.29 9.27 2.15
C TYR A 76 8.81 9.99 3.39
N ARG A 77 7.89 10.51 4.20
CA ARG A 77 8.25 11.17 5.45
C ARG A 77 8.28 10.08 6.51
N ASP A 78 8.34 10.44 7.79
CA ASP A 78 8.41 9.41 8.81
C ASP A 78 7.30 9.32 9.85
N PRO A 79 6.03 9.36 9.42
CA PRO A 79 4.99 9.25 10.45
C PRO A 79 5.06 7.80 10.93
N PRO A 80 4.41 7.48 12.05
CA PRO A 80 4.43 6.11 12.60
C PRO A 80 4.07 4.97 11.63
N TYR A 81 3.03 5.15 10.82
CA TYR A 81 2.60 4.09 9.90
C TYR A 81 2.83 4.34 8.40
N HIS A 82 2.37 5.48 7.90
CA HIS A 82 2.51 5.77 6.46
C HIS A 82 3.91 6.22 6.04
N ASN A 83 4.85 5.30 6.17
CA ASN A 83 6.24 5.59 5.83
C ASN A 83 6.72 4.65 4.73
N TRP A 84 8.01 4.72 4.40
CA TRP A 84 8.54 3.85 3.34
C TRP A 84 8.39 2.37 3.62
N MET A 85 8.60 1.93 4.86
CA MET A 85 8.46 0.51 5.14
C MET A 85 7.04 0.02 4.87
N HIS A 86 6.07 0.92 4.94
CA HIS A 86 4.69 0.54 4.63
C HIS A 86 4.62 0.34 3.12
N ALA A 87 5.07 1.32 2.36
CA ALA A 87 5.06 1.21 0.89
C ALA A 87 5.85 -0.01 0.44
N PHE A 88 6.96 -0.29 1.12
CA PHE A 88 7.77 -1.44 0.76
C PHE A 88 7.03 -2.74 0.99
N SER A 89 6.40 -2.89 2.15
CA SER A 89 5.68 -4.11 2.44
C SER A 89 4.45 -4.28 1.55
N VAL A 90 3.85 -3.16 1.13
CA VAL A 90 2.69 -3.23 0.25
C VAL A 90 3.15 -3.71 -1.12
N SER A 91 4.32 -3.22 -1.55
CA SER A 91 4.89 -3.59 -2.83
C SER A 91 5.26 -5.07 -2.80
N HIS A 92 5.80 -5.52 -1.69
CA HIS A 92 6.16 -6.92 -1.55
C HIS A 92 4.93 -7.83 -1.70
N PHE A 93 3.80 -7.41 -1.14
CA PHE A 93 2.59 -8.22 -1.25
C PHE A 93 2.15 -8.30 -2.69
N CYS A 94 2.35 -7.23 -3.46
CA CYS A 94 1.99 -7.25 -4.87
C CYS A 94 2.79 -8.38 -5.50
N TYR A 95 4.09 -8.40 -5.19
CA TYR A 95 4.99 -9.43 -5.70
C TYR A 95 4.49 -10.82 -5.29
N LEU A 96 4.04 -10.97 -4.05
CA LEU A 96 3.53 -12.26 -3.57
C LEU A 96 2.30 -12.73 -4.36
N LEU A 97 1.40 -11.80 -4.64
CA LEU A 97 0.19 -12.13 -5.39
C LEU A 97 0.59 -12.56 -6.80
N TYR A 98 1.60 -11.89 -7.34
CA TYR A 98 2.10 -12.20 -8.68
C TYR A 98 2.60 -13.65 -8.70
N LYS A 99 3.47 -13.98 -7.75
CA LYS A 99 4.05 -15.32 -7.67
C LYS A 99 3.07 -16.42 -7.27
N ASN A 100 2.27 -16.16 -6.24
CA ASN A 100 1.33 -17.16 -5.73
C ASN A 100 -0.01 -17.31 -6.45
N LEU A 101 -0.58 -16.21 -6.92
CA LEU A 101 -1.87 -16.28 -7.60
C LEU A 101 -1.74 -16.31 -9.11
N GLU A 102 -0.52 -16.21 -9.61
CA GLU A 102 -0.25 -16.24 -11.05
C GLU A 102 -1.05 -15.16 -11.79
N LEU A 103 -0.86 -13.91 -11.37
CA LEU A 103 -1.57 -12.79 -11.96
C LEU A 103 -1.39 -12.65 -13.47
N THR A 104 -0.30 -13.19 -14.01
CA THR A 104 -0.08 -13.08 -15.45
C THR A 104 -1.16 -13.80 -16.25
N ASN A 105 -1.92 -14.67 -15.59
CA ASN A 105 -3.00 -15.38 -16.27
C ASN A 105 -4.32 -14.63 -16.17
N TYR A 106 -4.31 -13.47 -15.51
CA TYR A 106 -5.52 -12.67 -15.34
C TYR A 106 -5.43 -11.23 -15.84
N LEU A 107 -4.29 -10.60 -15.60
CA LEU A 107 -4.10 -9.21 -16.02
C LEU A 107 -3.05 -9.09 -17.13
N GLU A 108 -3.06 -7.97 -17.85
CA GLU A 108 -2.07 -7.77 -18.89
C GLU A 108 -0.77 -7.43 -18.16
N ASP A 109 0.37 -7.73 -18.77
CA ASP A 109 1.65 -7.46 -18.12
C ASP A 109 1.84 -6.01 -17.70
N ILE A 110 1.44 -5.07 -18.56
CA ILE A 110 1.62 -3.65 -18.25
C ILE A 110 0.78 -3.22 -17.05
N GLU A 111 -0.36 -3.88 -16.84
CA GLU A 111 -1.24 -3.57 -15.72
C GLU A 111 -0.59 -4.02 -14.41
N ILE A 112 0.08 -5.16 -14.44
CA ILE A 112 0.75 -5.68 -13.25
C ILE A 112 1.96 -4.80 -12.91
N PHE A 113 2.66 -4.33 -13.95
CA PHE A 113 3.82 -3.45 -13.78
C PHE A 113 3.33 -2.16 -13.12
N ALA A 114 2.25 -1.59 -13.66
CA ALA A 114 1.69 -0.36 -13.10
C ALA A 114 1.25 -0.55 -11.65
N LEU A 115 0.68 -1.71 -11.36
CA LEU A 115 0.22 -2.02 -10.01
C LEU A 115 1.38 -1.99 -9.03
N PHE A 116 2.49 -2.63 -9.40
CA PHE A 116 3.66 -2.68 -8.53
C PHE A 116 4.24 -1.28 -8.33
N ILE A 117 4.41 -0.52 -9.40
CA ILE A 117 4.95 0.83 -9.28
C ILE A 117 3.99 1.68 -8.44
N SER A 118 2.69 1.48 -8.64
CA SER A 118 1.70 2.23 -7.85
C SER A 118 1.86 1.89 -6.38
N CYS A 119 2.07 0.62 -6.07
CA CYS A 119 2.25 0.22 -4.67
C CYS A 119 3.39 0.99 -4.03
N MET A 120 4.50 1.12 -4.79
CA MET A 120 5.66 1.84 -4.30
C MET A 120 5.38 3.31 -4.01
N CYS A 121 4.60 3.95 -4.88
CA CYS A 121 4.28 5.37 -4.75
C CYS A 121 2.95 5.76 -4.12
N HIS A 122 2.09 4.79 -3.80
CA HIS A 122 0.75 5.12 -3.33
C HIS A 122 0.54 5.98 -2.10
N ASP A 123 1.56 6.15 -1.26
CA ASP A 123 1.42 7.00 -0.08
C ASP A 123 2.50 8.07 0.02
N LEU A 124 3.12 8.41 -1.11
CA LEU A 124 4.17 9.42 -1.13
C LEU A 124 3.84 10.74 -0.43
N ASP A 125 4.75 11.16 0.45
CA ASP A 125 4.63 12.42 1.19
C ASP A 125 3.47 12.47 2.18
N HIS A 126 3.05 11.31 2.69
CA HIS A 126 1.97 11.26 3.67
C HIS A 126 2.50 11.93 4.94
N ARG A 127 1.67 12.73 5.58
CA ARG A 127 2.08 13.44 6.79
C ARG A 127 1.46 12.88 8.06
N GLY A 128 0.67 11.81 7.93
CA GLY A 128 0.05 11.23 9.10
C GLY A 128 -1.34 11.75 9.42
N THR A 129 -1.93 12.47 8.48
CA THR A 129 -3.29 13.00 8.63
C THR A 129 -4.09 12.58 7.40
N ASN A 130 -5.39 12.35 7.58
CA ASN A 130 -6.24 11.89 6.47
C ASN A 130 -6.95 12.98 5.68
N ASN A 131 -7.80 12.58 4.74
CA ASN A 131 -8.52 13.54 3.90
C ASN A 131 -9.42 14.47 4.70
N SER A 132 -10.14 13.93 5.67
N SER A 132 -10.14 13.93 5.68
CA SER A 132 -11.02 14.73 6.50
CA SER A 132 -11.03 14.75 6.49
C SER A 132 -10.27 15.91 7.11
C SER A 132 -10.27 15.91 7.11
N PHE A 133 -9.06 15.64 7.59
CA PHE A 133 -8.24 16.66 8.22
C PHE A 133 -7.76 17.73 7.24
N GLN A 134 -7.46 17.33 6.00
CA GLN A 134 -7.01 18.31 5.01
C GLN A 134 -8.09 19.36 4.80
N VAL A 135 -9.33 18.91 4.71
CA VAL A 135 -10.45 19.82 4.50
C VAL A 135 -10.74 20.66 5.74
N ALA A 136 -10.67 20.04 6.91
CA ALA A 136 -10.93 20.74 8.17
C ALA A 136 -9.91 21.83 8.48
N SER A 137 -8.65 21.59 8.12
CA SER A 137 -7.60 22.57 8.36
C SER A 137 -7.40 23.46 7.13
N LYS A 138 -8.24 23.26 6.13
CA LYS A 138 -8.17 24.05 4.90
C LYS A 138 -6.72 24.12 4.41
N SER A 139 -6.09 22.96 4.28
CA SER A 139 -4.70 22.89 3.82
C SER A 139 -4.58 23.24 2.34
N VAL A 140 -3.34 23.44 1.89
CA VAL A 140 -3.09 23.77 0.49
C VAL A 140 -3.49 22.61 -0.41
N LEU A 141 -3.34 21.39 0.09
CA LEU A 141 -3.69 20.20 -0.68
C LEU A 141 -5.20 20.09 -0.83
N ALA A 142 -5.94 20.49 0.19
CA ALA A 142 -7.39 20.43 0.14
C ALA A 142 -7.91 21.41 -0.90
N ALA A 143 -7.34 22.62 -0.91
CA ALA A 143 -7.76 23.64 -1.86
C ALA A 143 -7.45 23.20 -3.29
N LEU A 144 -6.44 22.37 -3.43
CA LEU A 144 -6.02 21.89 -4.74
C LEU A 144 -6.81 20.70 -5.28
N TYR A 145 -7.22 19.78 -4.40
CA TYR A 145 -7.95 18.59 -4.83
C TYR A 145 -9.35 18.33 -4.26
N SER A 146 -9.72 19.06 -3.21
CA SER A 146 -11.03 18.86 -2.58
C SER A 146 -12.20 18.66 -3.56
N SER A 147 -12.29 19.52 -4.57
CA SER A 147 -13.36 19.42 -5.56
C SER A 147 -13.48 18.05 -6.20
N GLU A 148 -12.33 17.44 -6.53
CA GLU A 148 -12.32 16.13 -7.16
C GLU A 148 -12.38 14.98 -6.17
N GLY A 149 -12.17 15.29 -4.90
CA GLY A 149 -12.21 14.24 -3.87
C GLY A 149 -10.88 13.52 -3.75
N SER A 150 -10.79 12.61 -2.80
CA SER A 150 -9.56 11.84 -2.57
C SER A 150 -8.33 12.74 -2.55
N VAL A 151 -8.35 13.76 -1.71
CA VAL A 151 -7.26 14.73 -1.60
C VAL A 151 -5.85 14.14 -1.48
N MET A 152 -5.63 13.34 -0.44
CA MET A 152 -4.29 12.76 -0.27
C MET A 152 -3.91 11.82 -1.41
N GLU A 153 -4.86 11.03 -1.87
CA GLU A 153 -4.57 10.09 -2.96
C GLU A 153 -4.11 10.85 -4.21
N ARG A 154 -4.74 11.99 -4.51
CA ARG A 154 -4.34 12.76 -5.67
C ARG A 154 -2.96 13.38 -5.44
N HIS A 155 -2.65 13.67 -4.19
CA HIS A 155 -1.34 14.24 -3.88
C HIS A 155 -0.27 13.18 -4.08
N HIS A 156 -0.54 11.96 -3.62
CA HIS A 156 0.42 10.88 -3.76
C HIS A 156 0.75 10.66 -5.23
N PHE A 157 -0.29 10.66 -6.06
CA PHE A 157 -0.08 10.48 -7.50
C PHE A 157 0.74 11.63 -8.08
N ALA A 158 0.42 12.85 -7.67
CA ALA A 158 1.15 14.02 -8.15
C ALA A 158 2.62 13.94 -7.76
N GLN A 159 2.91 13.43 -6.57
CA GLN A 159 4.29 13.30 -6.11
C GLN A 159 5.03 12.29 -6.97
N ALA A 160 4.33 11.22 -7.36
CA ALA A 160 4.94 10.18 -8.19
C ALA A 160 5.33 10.78 -9.55
N ILE A 161 4.45 11.62 -10.09
CA ILE A 161 4.71 12.27 -11.37
C ILE A 161 5.89 13.25 -11.23
N ALA A 162 5.98 13.91 -10.09
CA ALA A 162 7.07 14.85 -9.85
C ALA A 162 8.41 14.12 -9.85
N ILE A 163 8.41 12.89 -9.34
CA ILE A 163 9.64 12.10 -9.30
C ILE A 163 10.03 11.71 -10.73
N LEU A 164 9.07 11.25 -11.52
CA LEU A 164 9.37 10.89 -12.90
C LEU A 164 9.92 12.10 -13.64
N ASN A 165 9.41 13.29 -13.29
CA ASN A 165 9.85 14.51 -13.93
C ASN A 165 11.18 15.05 -13.38
N THR A 166 11.75 14.37 -12.39
CA THR A 166 13.03 14.79 -11.83
C THR A 166 14.14 14.27 -12.76
N HIS A 167 15.18 15.06 -12.94
CA HIS A 167 16.29 14.70 -13.81
C HIS A 167 16.85 13.30 -13.57
N GLY A 168 16.96 12.52 -14.65
CA GLY A 168 17.48 11.16 -14.57
C GLY A 168 16.63 10.11 -13.89
N CYS A 169 15.37 10.43 -13.60
CA CYS A 169 14.49 9.49 -12.91
C CYS A 169 13.28 8.99 -13.70
N ASN A 170 13.16 9.37 -14.96
CA ASN A 170 11.99 8.93 -15.70
C ASN A 170 12.16 7.55 -16.30
N ILE A 171 11.74 6.53 -15.55
CA ILE A 171 11.84 5.15 -16.02
C ILE A 171 10.99 4.81 -17.25
N PHE A 172 10.06 5.68 -17.61
CA PHE A 172 9.20 5.44 -18.79
C PHE A 172 9.49 6.42 -19.94
N ASP A 173 10.58 7.18 -19.85
CA ASP A 173 10.92 8.19 -20.85
C ASP A 173 10.92 7.74 -22.31
N HIS A 174 11.39 6.53 -22.56
CA HIS A 174 11.48 5.96 -23.90
C HIS A 174 10.16 5.41 -24.45
N PHE A 175 9.14 5.36 -23.62
CA PHE A 175 7.82 4.85 -24.03
C PHE A 175 7.24 5.73 -25.13
N SER A 176 6.40 5.14 -25.98
CA SER A 176 5.72 5.91 -27.02
C SER A 176 4.74 6.82 -26.27
N ARG A 177 4.25 7.87 -26.91
CA ARG A 177 3.31 8.76 -26.22
C ARG A 177 2.09 7.97 -25.74
N LYS A 178 1.63 7.04 -26.57
CA LYS A 178 0.46 6.22 -26.24
C LYS A 178 0.67 5.37 -24.99
N ASP A 179 1.80 4.67 -24.93
CA ASP A 179 2.10 3.81 -23.78
C ASP A 179 2.43 4.63 -22.53
N TYR A 180 3.04 5.79 -22.72
CA TYR A 180 3.37 6.64 -21.58
C TYR A 180 2.08 7.08 -20.90
N GLN A 181 1.12 7.53 -21.70
CA GLN A 181 -0.16 7.98 -21.14
C GLN A 181 -0.92 6.82 -20.52
N ARG A 182 -0.81 5.63 -21.12
CA ARG A 182 -1.51 4.49 -20.54
C ARG A 182 -0.96 4.16 -19.16
N MET A 183 0.36 4.25 -19.02
CA MET A 183 1.00 3.96 -17.74
C MET A 183 0.60 4.99 -16.69
N LEU A 184 0.67 6.27 -17.03
CA LEU A 184 0.29 7.29 -16.06
C LEU A 184 -1.18 7.22 -15.69
N ASP A 185 -2.03 6.79 -16.63
CA ASP A 185 -3.46 6.67 -16.32
C ASP A 185 -3.72 5.50 -15.39
N LEU A 186 -2.98 4.40 -15.58
CA LEU A 186 -3.14 3.23 -14.73
C LEU A 186 -2.68 3.61 -13.32
N MET A 187 -1.55 4.29 -13.22
CA MET A 187 -1.04 4.69 -11.90
C MET A 187 -2.05 5.59 -11.20
N ARG A 188 -2.64 6.53 -11.93
CA ARG A 188 -3.62 7.41 -11.32
C ARG A 188 -4.80 6.62 -10.77
N ASP A 189 -5.41 5.79 -11.62
CA ASP A 189 -6.57 5.00 -11.21
C ASP A 189 -6.28 4.03 -10.07
N ILE A 190 -5.11 3.40 -10.09
CA ILE A 190 -4.76 2.45 -9.05
C ILE A 190 -4.50 3.14 -7.72
N ILE A 191 -3.82 4.28 -7.75
CA ILE A 191 -3.56 4.98 -6.49
C ILE A 191 -4.86 5.55 -5.93
N LEU A 192 -5.74 6.01 -6.82
CA LEU A 192 -7.02 6.55 -6.38
C LEU A 192 -7.86 5.46 -5.71
N ALA A 193 -7.62 4.21 -6.12
CA ALA A 193 -8.36 3.09 -5.57
C ALA A 193 -8.05 2.83 -4.08
N THR A 194 -6.99 3.44 -3.58
CA THR A 194 -6.59 3.24 -2.18
C THR A 194 -7.47 4.05 -1.22
N ASP A 195 -8.39 4.83 -1.76
CA ASP A 195 -9.31 5.60 -0.91
C ASP A 195 -10.44 4.65 -0.56
N LEU A 196 -10.64 4.40 0.74
CA LEU A 196 -11.69 3.50 1.19
C LEU A 196 -13.06 3.85 0.61
N ALA A 197 -13.32 5.13 0.40
CA ALA A 197 -14.60 5.57 -0.14
C ALA A 197 -14.84 4.97 -1.52
N HIS A 198 -13.76 4.86 -2.29
CA HIS A 198 -13.83 4.29 -3.62
C HIS A 198 -14.16 2.81 -3.54
N HIS A 199 -13.47 2.10 -2.64
CA HIS A 199 -13.68 0.67 -2.46
C HIS A 199 -15.13 0.35 -2.13
N LEU A 200 -15.69 1.11 -1.20
CA LEU A 200 -17.07 0.91 -0.78
C LEU A 200 -18.06 1.12 -1.93
N ARG A 201 -17.75 2.04 -2.82
CA ARG A 201 -18.61 2.33 -3.96
C ARG A 201 -18.64 1.20 -4.99
N ILE A 202 -17.49 0.58 -5.22
CA ILE A 202 -17.42 -0.50 -6.21
C ILE A 202 -17.59 -1.89 -5.60
N PHE A 203 -17.79 -1.95 -4.29
CA PHE A 203 -17.92 -3.25 -3.62
C PHE A 203 -18.95 -4.20 -4.25
N LYS A 204 -20.13 -3.69 -4.60
CA LYS A 204 -21.13 -4.56 -5.20
C LYS A 204 -20.73 -5.06 -6.59
N ASP A 205 -19.96 -4.24 -7.31
CA ASP A 205 -19.51 -4.64 -8.63
C ASP A 205 -18.46 -5.73 -8.45
N LEU A 206 -17.69 -5.63 -7.38
CA LEU A 206 -16.68 -6.62 -7.07
C LEU A 206 -17.33 -7.95 -6.72
N GLN A 207 -18.42 -7.91 -5.96
CA GLN A 207 -19.13 -9.14 -5.60
C GLN A 207 -19.74 -9.78 -6.83
N LYS A 208 -20.25 -8.96 -7.73
CA LYS A 208 -20.87 -9.47 -8.95
C LYS A 208 -19.83 -10.16 -9.83
N MET A 209 -18.64 -9.57 -9.92
CA MET A 209 -17.57 -10.16 -10.73
C MET A 209 -17.18 -11.51 -10.13
N ALA A 210 -17.10 -11.58 -8.81
CA ALA A 210 -16.76 -12.83 -8.15
C ALA A 210 -17.88 -13.85 -8.35
N GLU A 211 -19.11 -13.35 -8.35
CA GLU A 211 -20.28 -14.21 -8.52
C GLU A 211 -20.35 -14.85 -9.91
N VAL A 212 -20.19 -14.05 -10.95
CA VAL A 212 -20.24 -14.58 -12.32
C VAL A 212 -18.94 -15.22 -12.76
N GLY A 213 -17.83 -14.79 -12.15
CA GLY A 213 -16.54 -15.34 -12.50
C GLY A 213 -15.71 -14.38 -13.32
N TYR A 214 -14.44 -14.25 -12.97
CA TYR A 214 -13.53 -13.34 -13.69
C TYR A 214 -13.40 -13.68 -15.16
N ASP A 215 -13.50 -12.67 -16.01
CA ASP A 215 -13.40 -12.83 -17.47
C ASP A 215 -12.26 -11.96 -18.02
N ARG A 216 -11.15 -12.61 -18.38
CA ARG A 216 -9.99 -11.89 -18.91
C ARG A 216 -10.29 -11.04 -20.14
N ASN A 217 -11.37 -11.35 -20.85
CA ASN A 217 -11.72 -10.59 -22.04
C ASN A 217 -12.66 -9.44 -21.72
N ASN A 218 -12.97 -9.28 -20.43
CA ASN A 218 -13.86 -8.22 -19.98
C ASN A 218 -13.03 -7.05 -19.45
N LYS A 219 -13.02 -5.95 -20.18
CA LYS A 219 -12.25 -4.77 -19.79
C LYS A 219 -12.60 -4.24 -18.40
N GLN A 220 -13.87 -4.26 -18.06
CA GLN A 220 -14.31 -3.78 -16.75
C GLN A 220 -13.74 -4.67 -15.65
N HIS A 221 -13.67 -5.97 -15.91
CA HIS A 221 -13.12 -6.88 -14.92
C HIS A 221 -11.67 -6.55 -14.61
N HIS A 222 -10.90 -6.14 -15.62
CA HIS A 222 -9.50 -5.78 -15.41
C HIS A 222 -9.40 -4.59 -14.44
N ARG A 223 -10.21 -3.57 -14.68
CA ARG A 223 -10.21 -2.38 -13.84
C ARG A 223 -10.60 -2.71 -12.40
N LEU A 224 -11.64 -3.51 -12.25
CA LEU A 224 -12.12 -3.91 -10.92
C LEU A 224 -11.08 -4.74 -10.18
N LEU A 225 -10.50 -5.73 -10.86
CA LEU A 225 -9.50 -6.58 -10.25
C LEU A 225 -8.31 -5.75 -9.76
N LEU A 226 -7.88 -4.78 -10.56
CA LEU A 226 -6.75 -3.93 -10.16
C LEU A 226 -7.06 -3.21 -8.86
N CYS A 227 -8.28 -2.68 -8.74
CA CYS A 227 -8.69 -1.98 -7.54
C CYS A 227 -8.69 -2.91 -6.33
N LEU A 228 -9.24 -4.10 -6.49
CA LEU A 228 -9.28 -5.07 -5.39
C LEU A 228 -7.88 -5.48 -4.97
N LEU A 229 -7.01 -5.72 -5.94
CA LEU A 229 -5.64 -6.14 -5.63
C LEU A 229 -4.88 -5.05 -4.88
N MET A 230 -5.05 -3.80 -5.32
CA MET A 230 -4.39 -2.67 -4.67
C MET A 230 -4.82 -2.61 -3.21
N THR A 231 -6.12 -2.68 -2.96
N THR A 231 -6.12 -2.67 -2.97
CA THR A 231 -6.62 -2.65 -1.59
CA THR A 231 -6.62 -2.62 -1.60
C THR A 231 -6.07 -3.83 -0.80
C THR A 231 -6.12 -3.82 -0.82
N SER A 232 -6.00 -4.99 -1.45
N SER A 232 -5.97 -4.95 -1.52
CA SER A 232 -5.48 -6.19 -0.81
CA SER A 232 -5.49 -6.19 -0.91
C SER A 232 -4.03 -5.98 -0.39
C SER A 232 -4.05 -6.00 -0.43
N CYS A 233 -3.25 -5.31 -1.23
CA CYS A 233 -1.86 -5.08 -0.88
C CYS A 233 -1.75 -4.07 0.26
N ASP A 234 -2.55 -3.00 0.18
CA ASP A 234 -2.54 -1.94 1.17
C ASP A 234 -2.86 -2.42 2.59
N LEU A 235 -3.72 -3.44 2.71
CA LEU A 235 -4.09 -3.98 4.02
C LEU A 235 -3.42 -5.31 4.35
N SER A 236 -2.41 -5.68 3.57
CA SER A 236 -1.71 -6.96 3.74
C SER A 236 -1.08 -7.23 5.10
N ASP A 237 -0.84 -6.19 5.90
CA ASP A 237 -0.26 -6.41 7.23
C ASP A 237 -1.20 -7.30 8.05
N GLN A 238 -2.49 -7.30 7.67
CA GLN A 238 -3.49 -8.09 8.38
C GLN A 238 -3.44 -9.58 8.04
N THR A 239 -2.65 -9.94 7.03
CA THR A 239 -2.54 -11.33 6.59
C THR A 239 -1.35 -12.05 7.22
N LYS A 240 -0.62 -11.36 8.07
CA LYS A 240 0.54 -11.96 8.71
C LYS A 240 0.13 -12.52 10.07
N GLY A 241 1.10 -12.67 10.97
CA GLY A 241 0.81 -13.21 12.28
C GLY A 241 0.27 -12.17 13.25
N TRP A 242 -0.06 -12.62 14.46
CA TRP A 242 -0.60 -11.73 15.48
C TRP A 242 0.34 -10.56 15.81
N LYS A 243 1.64 -10.85 15.89
CA LYS A 243 2.62 -9.83 16.22
C LYS A 243 2.60 -8.66 15.24
N THR A 244 2.38 -8.95 13.96
CA THR A 244 2.35 -7.89 12.96
C THR A 244 1.07 -7.05 13.07
N THR A 245 -0.07 -7.72 13.16
N THR A 245 -0.07 -7.71 13.16
CA THR A 245 -1.34 -7.02 13.28
CA THR A 245 -1.34 -6.98 13.26
C THR A 245 -1.35 -6.15 14.52
C THR A 245 -1.35 -6.13 14.52
N ARG A 246 -0.77 -6.65 15.60
CA ARG A 246 -0.73 -5.91 16.85
C ARG A 246 0.18 -4.69 16.72
N LYS A 247 1.37 -4.88 16.15
CA LYS A 247 2.32 -3.78 15.97
C LYS A 247 1.76 -2.70 15.05
N ILE A 248 1.18 -3.10 13.93
CA ILE A 248 0.62 -2.14 12.99
C ILE A 248 -0.53 -1.34 13.60
N ALA A 249 -1.28 -1.96 14.51
CA ALA A 249 -2.38 -1.27 15.17
C ALA A 249 -1.79 -0.15 16.03
N GLU A 250 -0.67 -0.44 16.67
CA GLU A 250 0.01 0.54 17.52
C GLU A 250 0.43 1.77 16.69
N LEU A 251 0.97 1.52 15.51
CA LEU A 251 1.42 2.59 14.64
C LEU A 251 0.27 3.42 14.08
N ILE A 252 -0.77 2.74 13.59
CA ILE A 252 -1.90 3.47 13.03
C ILE A 252 -2.62 4.33 14.07
N TYR A 253 -2.85 3.80 15.27
CA TYR A 253 -3.53 4.62 16.27
C TYR A 253 -2.66 5.74 16.81
N LYS A 254 -1.35 5.55 16.78
CA LYS A 254 -0.46 6.60 17.24
C LYS A 254 -0.69 7.77 16.27
N GLU A 255 -0.88 7.45 14.99
CA GLU A 255 -1.16 8.47 13.99
C GLU A 255 -2.56 9.07 14.18
N PHE A 256 -3.55 8.20 14.32
CA PHE A 256 -4.93 8.62 14.51
C PHE A 256 -5.12 9.52 15.71
N PHE A 257 -4.55 9.12 16.85
CA PHE A 257 -4.68 9.91 18.07
C PHE A 257 -3.94 11.24 17.96
N SER A 258 -2.85 11.26 17.22
N SER A 258 -2.84 11.26 17.22
CA SER A 258 -2.09 12.50 17.04
CA SER A 258 -2.10 12.51 17.05
C SER A 258 -2.96 13.46 16.25
C SER A 258 -2.97 13.48 16.25
N GLN A 259 -3.64 12.96 15.23
CA GLN A 259 -4.52 13.81 14.44
C GLN A 259 -5.68 14.27 15.31
N GLY A 260 -6.22 13.35 16.10
CA GLY A 260 -7.33 13.69 16.99
C GLY A 260 -6.96 14.83 17.93
N ASP A 261 -5.74 14.79 18.46
CA ASP A 261 -5.28 15.85 19.37
C ASP A 261 -5.26 17.20 18.64
N LEU A 262 -4.84 17.20 17.38
CA LEU A 262 -4.79 18.43 16.61
C LEU A 262 -6.18 18.97 16.36
N GLU A 263 -7.13 18.07 16.13
CA GLU A 263 -8.51 18.48 15.88
C GLU A 263 -9.13 19.10 17.13
N LYS A 264 -8.86 18.53 18.30
CA LYS A 264 -9.40 19.08 19.55
C LYS A 264 -8.86 20.49 19.76
N ALA A 265 -7.58 20.69 19.45
CA ALA A 265 -6.91 21.98 19.61
C ALA A 265 -7.47 23.03 18.65
N MET A 266 -8.14 22.57 17.60
CA MET A 266 -8.73 23.47 16.62
C MET A 266 -10.14 23.84 17.07
N GLY A 267 -10.57 23.28 18.20
CA GLY A 267 -11.90 23.56 18.72
C GLY A 267 -12.94 22.66 18.10
N ASN A 268 -12.49 21.57 17.48
CA ASN A 268 -13.40 20.62 16.83
C ASN A 268 -13.54 19.34 17.64
N ARG A 269 -14.56 18.54 17.31
CA ARG A 269 -14.82 17.29 18.00
C ARG A 269 -14.41 16.14 17.08
N PRO A 270 -13.29 15.47 17.39
CA PRO A 270 -12.84 14.35 16.55
C PRO A 270 -13.75 13.14 16.65
N MET A 271 -13.67 12.27 15.64
CA MET A 271 -14.45 11.04 15.64
C MET A 271 -13.90 10.17 16.76
N GLU A 272 -14.76 9.34 17.32
CA GLU A 272 -14.35 8.47 18.42
C GLU A 272 -13.03 7.72 18.21
N MET A 273 -12.86 7.09 17.05
CA MET A 273 -11.63 6.33 16.80
C MET A 273 -10.35 7.17 16.76
N MET A 274 -10.51 8.49 16.74
CA MET A 274 -9.36 9.40 16.70
C MET A 274 -9.11 10.05 18.06
N ASP A 275 -10.02 9.79 19.00
CA ASP A 275 -9.93 10.36 20.34
C ASP A 275 -9.31 9.35 21.30
N ARG A 276 -8.09 9.64 21.76
CA ARG A 276 -7.38 8.73 22.66
C ARG A 276 -8.11 8.56 24.00
N GLU A 277 -9.06 9.44 24.29
CA GLU A 277 -9.80 9.34 25.54
C GLU A 277 -11.09 8.55 25.40
N LYS A 278 -11.44 8.19 24.16
CA LYS A 278 -12.66 7.44 23.91
C LYS A 278 -12.48 6.10 23.17
N ALA A 279 -11.49 6.06 22.28
CA ALA A 279 -11.25 4.86 21.50
C ALA A 279 -10.79 3.62 22.26
N TYR A 280 -11.41 2.48 21.97
CA TYR A 280 -11.02 1.23 22.58
C TYR A 280 -10.50 0.39 21.42
N ILE A 281 -9.18 0.40 21.26
CA ILE A 281 -8.51 -0.28 20.15
C ILE A 281 -8.98 -1.69 19.77
N PRO A 282 -9.14 -2.61 20.74
CA PRO A 282 -9.59 -3.96 20.39
C PRO A 282 -10.91 -3.98 19.62
N GLU A 283 -11.89 -3.23 20.10
CA GLU A 283 -13.20 -3.18 19.46
C GLU A 283 -13.11 -2.50 18.09
N LEU A 284 -12.28 -1.48 17.99
CA LEU A 284 -12.11 -0.77 16.72
C LEU A 284 -11.49 -1.70 15.69
N GLN A 285 -10.56 -2.55 16.13
CA GLN A 285 -9.91 -3.50 15.23
C GLN A 285 -10.89 -4.58 14.77
N ILE A 286 -11.71 -5.06 15.70
CA ILE A 286 -12.71 -6.08 15.36
C ILE A 286 -13.68 -5.52 14.32
N SER A 287 -14.10 -4.28 14.52
CA SER A 287 -15.01 -3.62 13.58
C SER A 287 -14.34 -3.54 12.20
N PHE A 288 -13.10 -3.06 12.18
CA PHE A 288 -12.33 -2.93 10.96
C PHE A 288 -12.19 -4.28 10.24
N MET A 289 -11.93 -5.32 11.03
CA MET A 289 -11.78 -6.67 10.49
C MET A 289 -13.06 -7.19 9.86
N GLU A 290 -14.18 -7.07 10.58
CA GLU A 290 -15.46 -7.56 10.07
C GLU A 290 -16.08 -6.75 8.93
N HIS A 291 -15.89 -5.44 8.95
CA HIS A 291 -16.49 -4.59 7.92
C HIS A 291 -15.62 -4.25 6.72
N ILE A 292 -14.31 -4.32 6.90
CA ILE A 292 -13.41 -3.96 5.80
C ILE A 292 -12.44 -5.04 5.35
N ALA A 293 -11.54 -5.44 6.25
CA ALA A 293 -10.52 -6.44 5.94
C ALA A 293 -11.03 -7.81 5.51
N MET A 294 -11.83 -8.46 6.35
CA MET A 294 -12.32 -9.78 5.99
C MET A 294 -13.09 -9.84 4.67
N PRO A 295 -13.99 -8.88 4.42
CA PRO A 295 -14.75 -8.92 3.15
C PRO A 295 -13.84 -8.83 1.92
N ILE A 296 -12.76 -8.05 2.03
CA ILE A 296 -11.83 -7.90 0.93
C ILE A 296 -11.11 -9.21 0.63
N TYR A 297 -10.63 -9.89 1.66
CA TYR A 297 -9.92 -11.13 1.43
C TYR A 297 -10.89 -12.28 1.14
N LYS A 298 -12.15 -12.11 1.51
CA LYS A 298 -13.16 -13.12 1.21
C LYS A 298 -13.35 -13.06 -0.31
N LEU A 299 -13.54 -11.85 -0.83
CA LEU A 299 -13.71 -11.64 -2.27
C LEU A 299 -12.50 -12.20 -3.02
N LEU A 300 -11.31 -11.91 -2.53
CA LEU A 300 -10.08 -12.40 -3.14
C LEU A 300 -10.09 -13.92 -3.19
N GLN A 301 -10.61 -14.54 -2.14
CA GLN A 301 -10.69 -16.00 -2.07
C GLN A 301 -11.69 -16.58 -3.06
N ASP A 302 -12.80 -15.88 -3.26
CA ASP A 302 -13.82 -16.35 -4.19
C ASP A 302 -13.28 -16.32 -5.61
N LEU A 303 -12.38 -15.38 -5.88
CA LEU A 303 -11.77 -15.24 -7.20
C LEU A 303 -10.54 -16.13 -7.35
N PHE A 304 -9.75 -16.25 -6.29
CA PHE A 304 -8.53 -17.07 -6.31
C PHE A 304 -8.50 -18.06 -5.15
N PRO A 305 -8.83 -19.33 -5.42
CA PRO A 305 -8.82 -20.37 -4.40
C PRO A 305 -7.55 -20.40 -3.56
N LYS A 306 -6.41 -20.13 -4.21
CA LYS A 306 -5.12 -20.14 -3.51
C LYS A 306 -4.96 -18.99 -2.53
N ALA A 307 -5.94 -18.08 -2.50
CA ALA A 307 -5.88 -16.94 -1.59
C ALA A 307 -6.63 -17.25 -0.30
N ALA A 308 -7.15 -18.47 -0.18
CA ALA A 308 -7.91 -18.88 0.99
C ALA A 308 -7.12 -18.71 2.28
N GLU A 309 -5.85 -19.10 2.26
CA GLU A 309 -5.03 -19.00 3.46
C GLU A 309 -4.90 -17.57 3.95
N LEU A 310 -5.12 -16.61 3.06
CA LEU A 310 -5.05 -15.19 3.42
C LEU A 310 -6.28 -14.82 4.24
N TYR A 311 -7.44 -15.16 3.71
CA TYR A 311 -8.70 -14.88 4.40
C TYR A 311 -8.67 -15.57 5.76
N GLU A 312 -8.15 -16.79 5.79
CA GLU A 312 -8.05 -17.57 7.02
C GLU A 312 -7.25 -16.83 8.09
N ARG A 313 -6.11 -16.27 7.71
CA ARG A 313 -5.28 -15.54 8.67
C ARG A 313 -5.97 -14.29 9.18
N VAL A 314 -6.65 -13.57 8.29
CA VAL A 314 -7.35 -12.36 8.70
C VAL A 314 -8.44 -12.72 9.71
N ALA A 315 -9.15 -13.81 9.44
CA ALA A 315 -10.21 -14.27 10.35
C ALA A 315 -9.60 -14.64 11.70
N SER A 316 -8.46 -15.33 11.67
CA SER A 316 -7.78 -15.74 12.89
C SER A 316 -7.38 -14.52 13.70
N ASN A 317 -6.78 -13.54 13.05
CA ASN A 317 -6.36 -12.33 13.74
C ASN A 317 -7.56 -11.63 14.36
N ARG A 318 -8.71 -11.71 13.71
CA ARG A 318 -9.92 -11.11 14.28
C ARG A 318 -10.21 -11.82 15.59
N GLU A 319 -10.07 -13.14 15.59
CA GLU A 319 -10.31 -13.94 16.78
C GLU A 319 -9.37 -13.49 17.90
N HIS A 320 -8.11 -13.25 17.56
CA HIS A 320 -7.13 -12.79 18.54
C HIS A 320 -7.59 -11.51 19.22
N TRP A 321 -8.11 -10.57 18.43
CA TRP A 321 -8.58 -9.31 19.00
C TRP A 321 -9.75 -9.52 19.96
N THR A 322 -10.61 -10.48 19.67
CA THR A 322 -11.74 -10.74 20.55
C THR A 322 -11.28 -11.30 21.88
N LYS A 323 -10.14 -11.99 21.88
CA LYS A 323 -9.57 -12.58 23.08
C LYS A 323 -8.73 -11.55 23.83
N VAL A 324 -8.63 -10.36 23.26
CA VAL A 324 -7.87 -9.28 23.86
C VAL A 324 -8.83 -8.24 24.40
N SER A 325 -9.96 -8.08 23.71
CA SER A 325 -10.98 -7.12 24.13
C SER A 325 -11.47 -7.42 25.54
N PHE A 328 -5.14 -3.17 27.95
CA PHE A 328 -6.01 -4.32 27.70
C PHE A 328 -7.47 -3.93 27.93
N THR A 329 -7.71 -3.06 28.90
CA THR A 329 -9.06 -2.62 29.22
C THR A 329 -9.20 -1.10 29.12
N ILE A 330 -8.07 -0.42 29.01
CA ILE A 330 -8.06 1.04 28.92
C ILE A 330 -8.35 1.54 27.51
N ARG A 331 -8.67 2.82 27.42
CA ARG A 331 -8.95 3.45 26.13
C ARG A 331 -7.66 4.09 25.63
N GLY A 332 -7.55 4.28 24.33
CA GLY A 332 -6.36 4.88 23.79
C GLY A 332 -5.17 3.93 23.88
N LEU A 333 -3.97 4.49 23.95
CA LEU A 333 -2.75 3.69 24.04
C LEU A 333 -2.11 3.88 25.42
N PRO A 334 -1.34 2.89 25.87
CA PRO A 334 -0.67 2.95 27.17
C PRO A 334 0.25 4.18 27.18
N SER A 335 0.72 4.56 28.36
CA SER A 335 1.60 5.72 28.48
C SER A 335 2.81 5.62 27.55
N ASN A 336 3.32 4.39 27.38
CA ASN A 336 4.48 4.17 26.53
C ASN A 336 4.14 3.98 25.06
N ASN A 337 2.85 4.13 24.72
CA ASN A 337 2.41 3.98 23.33
C ASN A 337 2.77 2.62 22.76
N SER A 338 2.74 1.59 23.60
CA SER A 338 3.09 0.25 23.15
C SER A 338 2.05 -0.80 23.52
N LEU A 339 1.94 -1.83 22.68
CA LEU A 339 1.01 -2.93 22.88
C LEU A 339 1.82 -4.22 23.00
N ASP A 340 3.12 -4.06 23.21
CA ASP A 340 4.03 -5.20 23.32
C ASP A 340 3.57 -6.25 24.34
N PHE A 341 2.85 -5.80 25.37
CA PHE A 341 2.37 -6.73 26.40
C PHE A 341 1.28 -7.65 25.86
ZN ZN B . -1.13 2.74 2.15
MG MG C . -3.18 5.87 1.42
P PO4 D . -3.69 3.91 4.22
O1 PO4 D . -4.81 3.29 3.44
O2 PO4 D . -4.04 3.94 5.66
O3 PO4 D . -2.46 3.11 4.02
O4 PO4 D . -3.46 5.29 3.74
#